data_4GQY
#
_entry.id   4GQY
#
_cell.length_a   52.974
_cell.length_b   103.634
_cell.length_c   69.983
_cell.angle_alpha   90.00
_cell.angle_beta   112.22
_cell.angle_gamma   90.00
#
_symmetry.space_group_name_H-M   'P 1 21 1'
#
loop_
_entity.id
_entity.type
_entity.pdbx_description
1 polymer 'CBS domain-containing protein CBSX2, chloroplastic'
2 non-polymer 'ADENOSINE MONOPHOSPHATE'
3 water water
#
_entity_poly.entity_id   1
_entity_poly.type   'polypeptide(L)'
_entity_poly.pdbx_seq_one_letter_code
;GTGYTVGDFMTPRQNLHVVKPSTSVDDALELLVEKKVTGLPVIDDNWTLVGVVSDYDLLALDSISGRSQNDTNLFPDVDS
TWKTFNELQKLISKTYGKVVGDLMTPSPLVVRDSTNLEDAARLLLETKFRRLPVVDADGKLIGILTRGNVVRAALQIKRE
TENST
;
_entity_poly.pdbx_strand_id   A,B,C,D
#
loop_
_chem_comp.id
_chem_comp.type
_chem_comp.name
_chem_comp.formula
AMP non-polymer 'ADENOSINE MONOPHOSPHATE' 'C10 H14 N5 O7 P'
#
# COMPACT_ATOMS: atom_id res chain seq x y z
N GLY A 3 -17.68 -14.76 -9.05
CA GLY A 3 -18.85 -14.20 -9.72
C GLY A 3 -19.48 -13.04 -8.96
N TYR A 4 -19.15 -12.94 -7.68
CA TYR A 4 -19.73 -11.89 -6.85
C TYR A 4 -19.07 -10.54 -7.12
N THR A 5 -19.85 -9.47 -6.94
CA THR A 5 -19.37 -8.12 -7.14
C THR A 5 -19.40 -7.37 -5.81
N VAL A 6 -18.73 -6.23 -5.76
CA VAL A 6 -18.81 -5.31 -4.64
C VAL A 6 -20.27 -5.00 -4.29
N GLY A 7 -21.08 -4.78 -5.31
CA GLY A 7 -22.47 -4.41 -5.09
C GLY A 7 -23.25 -5.49 -4.35
N ASP A 8 -22.84 -6.75 -4.51
CA ASP A 8 -23.49 -7.87 -3.83
C ASP A 8 -23.37 -7.81 -2.31
N PHE A 9 -22.37 -7.09 -1.79
CA PHE A 9 -22.10 -7.14 -0.35
C PHE A 9 -21.85 -5.79 0.30
N MET A 10 -21.87 -4.74 -0.50
CA MET A 10 -21.63 -3.40 0.06
C MET A 10 -22.82 -2.95 0.92
N THR A 11 -22.60 -1.96 1.77
CA THR A 11 -23.71 -1.27 2.39
C THR A 11 -24.16 -0.22 1.42
N PRO A 12 -25.43 -0.29 0.99
CA PRO A 12 -25.96 0.57 -0.08
C PRO A 12 -26.23 2.00 0.37
N ARG A 13 -26.45 2.85 -0.62
CA ARG A 13 -26.62 4.29 -0.43
C ARG A 13 -27.57 4.63 0.71
N GLN A 14 -28.74 3.98 0.72
CA GLN A 14 -29.85 4.29 1.63
C GLN A 14 -29.54 4.03 3.10
N ASN A 15 -28.51 3.22 3.37
CA ASN A 15 -28.13 2.87 4.73
C ASN A 15 -26.91 3.64 5.24
N LEU A 16 -26.33 4.48 4.39
CA LEU A 16 -25.06 5.17 4.70
C LEU A 16 -25.19 6.36 5.65
N HIS A 17 -24.26 6.46 6.59
CA HIS A 17 -24.11 7.68 7.37
C HIS A 17 -23.02 8.52 6.71
N VAL A 18 -23.34 9.76 6.36
CA VAL A 18 -22.41 10.60 5.60
C VAL A 18 -22.23 11.95 6.28
N VAL A 19 -21.15 12.64 5.91
CA VAL A 19 -20.93 14.02 6.34
C VAL A 19 -20.34 14.84 5.19
N LYS A 20 -20.10 16.12 5.45
CA LYS A 20 -19.52 17.02 4.46
C LYS A 20 -18.24 17.63 5.01
N PRO A 21 -17.46 18.32 4.16
CA PRO A 21 -16.25 18.94 4.69
C PRO A 21 -16.56 19.95 5.77
N SER A 22 -17.74 20.57 5.70
CA SER A 22 -18.11 21.66 6.61
C SER A 22 -18.76 21.14 7.88
N THR A 23 -19.04 19.84 7.90
CA THR A 23 -19.48 19.18 9.12
C THR A 23 -18.43 19.40 10.21
N SER A 24 -18.87 19.73 11.42
CA SER A 24 -17.91 20.00 12.48
C SER A 24 -17.39 18.68 13.01
N VAL A 25 -16.19 18.70 13.57
CA VAL A 25 -15.61 17.50 14.14
C VAL A 25 -16.51 16.91 15.23
N ASP A 26 -17.12 17.77 16.03
CA ASP A 26 -17.98 17.29 17.11
C ASP A 26 -19.13 16.50 16.55
N ASP A 27 -19.80 17.08 15.56
CA ASP A 27 -20.89 16.37 14.88
C ASP A 27 -20.45 15.04 14.31
N ALA A 28 -19.32 15.02 13.58
CA ALA A 28 -18.80 13.77 12.99
C ALA A 28 -18.47 12.71 14.06
N LEU A 29 -17.70 13.09 15.07
CA LEU A 29 -17.33 12.18 16.15
C LEU A 29 -18.57 11.60 16.82
N GLU A 30 -19.49 12.49 17.18
CA GLU A 30 -20.75 12.08 17.75
C GLU A 30 -21.38 11.04 16.86
N LEU A 31 -21.40 11.33 15.56
CA LEU A 31 -22.01 10.43 14.60
C LEU A 31 -21.36 9.05 14.64
N LEU A 32 -20.03 8.98 14.39
CA LEU A 32 -19.26 7.74 14.49
C LEU A 32 -19.68 6.95 15.71
N VAL A 33 -19.52 7.56 16.89
CA VAL A 33 -19.88 6.87 18.14
C VAL A 33 -21.32 6.36 18.16
N GLU A 34 -22.27 7.25 17.88
CA GLU A 34 -23.68 6.95 17.99
C GLU A 34 -24.14 5.82 17.09
N LYS A 35 -23.65 5.81 15.86
CA LYS A 35 -24.10 4.81 14.89
C LYS A 35 -23.18 3.59 14.87
N LYS A 36 -22.16 3.62 15.71
CA LYS A 36 -21.20 2.51 15.82
C LYS A 36 -20.60 2.13 14.48
N VAL A 37 -19.88 3.06 13.86
CA VAL A 37 -19.12 2.72 12.67
C VAL A 37 -17.74 3.29 12.85
N THR A 38 -16.82 2.83 12.02
CA THR A 38 -15.40 3.10 12.22
C THR A 38 -14.92 4.21 11.31
N GLY A 39 -15.81 4.71 10.44
CA GLY A 39 -15.48 5.80 9.55
C GLY A 39 -16.68 6.30 8.73
N LEU A 40 -16.52 7.49 8.14
CA LEU A 40 -17.60 8.13 7.41
C LEU A 40 -17.15 8.59 6.05
N PRO A 41 -17.96 8.27 5.03
CA PRO A 41 -17.73 8.90 3.73
C PRO A 41 -18.02 10.39 3.84
N VAL A 42 -17.23 11.21 3.14
CA VAL A 42 -17.47 12.65 3.10
C VAL A 42 -17.89 13.02 1.68
N ILE A 43 -19.04 13.69 1.55
CA ILE A 43 -19.53 14.12 0.24
C ILE A 43 -19.83 15.62 0.19
N ASP A 44 -19.97 16.15 -1.02
CA ASP A 44 -20.45 17.52 -1.19
C ASP A 44 -21.96 17.55 -1.31
N ASP A 45 -22.52 18.70 -1.70
CA ASP A 45 -23.96 18.86 -1.79
C ASP A 45 -24.60 18.01 -2.90
N ASN A 46 -23.83 17.71 -3.95
CA ASN A 46 -24.30 16.86 -5.05
C ASN A 46 -24.02 15.39 -4.86
N TRP A 47 -23.64 15.00 -3.64
CA TRP A 47 -23.37 13.59 -3.32
C TRP A 47 -22.20 12.99 -4.07
N THR A 48 -21.33 13.87 -4.58
CA THR A 48 -20.03 13.48 -5.10
C THR A 48 -19.14 13.08 -3.92
N LEU A 49 -18.46 11.94 -4.03
CA LEU A 49 -17.54 11.53 -2.96
C LEU A 49 -16.30 12.40 -2.95
N VAL A 50 -16.07 13.14 -1.86
CA VAL A 50 -14.89 14.00 -1.78
C VAL A 50 -13.89 13.59 -0.71
N GLY A 51 -14.27 12.69 0.18
CA GLY A 51 -13.25 12.29 1.16
C GLY A 51 -13.66 11.11 2.00
N VAL A 52 -12.76 10.68 2.88
CA VAL A 52 -13.12 9.73 3.90
C VAL A 52 -12.53 10.23 5.22
N VAL A 53 -13.34 10.24 6.27
CA VAL A 53 -12.78 10.51 7.59
C VAL A 53 -12.96 9.27 8.47
N SER A 54 -11.88 8.85 9.10
CA SER A 54 -11.85 7.60 9.84
C SER A 54 -11.65 7.87 11.33
N ASP A 55 -12.06 6.93 12.18
CA ASP A 55 -11.64 6.96 13.58
C ASP A 55 -10.11 7.16 13.69
N TYR A 56 -9.37 6.59 12.74
CA TYR A 56 -7.92 6.78 12.70
C TYR A 56 -7.60 8.25 12.66
N ASP A 57 -8.30 8.98 11.80
CA ASP A 57 -8.09 10.43 11.65
C ASP A 57 -8.44 11.20 12.93
N LEU A 58 -9.47 10.78 13.66
CA LEU A 58 -9.84 11.47 14.90
C LEU A 58 -8.81 11.23 16.00
N LEU A 59 -8.11 10.09 15.94
CA LEU A 59 -7.10 9.81 16.96
C LEU A 59 -6.05 10.92 17.08
N ALA A 60 -5.81 11.65 16.00
CA ALA A 60 -4.79 12.68 16.00
C ALA A 60 -5.18 13.95 16.78
N LEU A 61 -6.48 14.10 17.04
CA LEU A 61 -6.98 15.31 17.71
C LEU A 61 -6.25 15.60 19.02
N ASP A 62 -5.89 16.87 19.20
CA ASP A 62 -5.29 17.38 20.43
C ASP A 62 -5.97 16.84 21.68
N SER A 63 -7.30 16.93 21.71
CA SER A 63 -8.05 16.50 22.89
C SER A 63 -8.04 14.98 23.08
N ILE A 64 -7.49 14.24 22.11
CA ILE A 64 -7.48 12.78 22.19
C ILE A 64 -6.09 12.20 22.40
N SER A 65 -5.09 12.71 21.68
CA SER A 65 -3.72 12.21 21.81
C SER A 65 -2.68 13.29 22.18
N GLY A 66 -3.07 14.23 23.04
CA GLY A 66 -2.14 15.20 23.58
C GLY A 66 -2.30 15.35 25.09
N ASP A 77 10.37 8.19 6.75
CA ASP A 77 11.35 8.52 5.72
C ASP A 77 11.97 9.90 5.95
N VAL A 78 13.05 10.19 5.23
CA VAL A 78 13.56 11.57 5.11
C VAL A 78 13.22 12.07 3.71
N ASP A 79 12.15 12.87 3.61
CA ASP A 79 11.62 13.22 2.31
C ASP A 79 11.93 14.65 1.84
N SER A 80 11.37 15.03 0.70
CA SER A 80 11.58 16.35 0.12
C SER A 80 11.00 17.45 0.98
N THR A 81 11.30 18.70 0.61
CA THR A 81 10.81 19.88 1.32
C THR A 81 9.30 19.97 1.24
N TRP A 82 8.80 19.94 0.01
CA TRP A 82 7.36 19.94 -0.29
C TRP A 82 6.61 18.90 0.53
N LYS A 83 7.03 17.64 0.41
CA LYS A 83 6.34 16.54 1.05
C LYS A 83 6.35 16.68 2.55
N THR A 84 7.50 17.08 3.11
CA THR A 84 7.59 17.22 4.55
C THR A 84 6.67 18.32 5.05
N PHE A 85 6.67 19.44 4.34
CA PHE A 85 5.82 20.56 4.70
C PHE A 85 4.36 20.14 4.69
N ASN A 86 3.99 19.38 3.67
CA ASN A 86 2.62 18.90 3.59
C ASN A 86 2.29 18.01 4.75
N GLU A 87 3.17 17.06 5.04
CA GLU A 87 2.92 16.12 6.12
C GLU A 87 2.75 16.82 7.46
N LEU A 88 3.62 17.79 7.73
CA LEU A 88 3.51 18.58 8.95
C LEU A 88 2.20 19.33 9.00
N GLN A 89 1.92 20.10 7.96
CA GLN A 89 0.74 20.96 7.97
C GLN A 89 -0.55 20.13 8.07
N LYS A 90 -0.53 18.94 7.48
CA LYS A 90 -1.64 18.01 7.59
C LYS A 90 -1.74 17.50 9.02
N LEU A 91 -0.60 17.26 9.65
CA LEU A 91 -0.63 16.84 11.04
C LEU A 91 -1.20 17.95 11.95
N ILE A 92 -0.83 19.20 11.68
CA ILE A 92 -1.34 20.31 12.47
C ILE A 92 -2.84 20.44 12.26
N SER A 93 -3.27 20.29 11.00
CA SER A 93 -4.67 20.36 10.65
C SER A 93 -5.48 19.29 11.36
N LYS A 94 -4.95 18.08 11.44
CA LYS A 94 -5.67 17.04 12.13
C LYS A 94 -5.68 17.29 13.62
N THR A 95 -4.57 17.81 14.13
CA THR A 95 -4.49 18.00 15.58
C THR A 95 -5.46 19.08 16.06
N TYR A 96 -5.65 20.14 15.26
CA TYR A 96 -6.49 21.26 15.71
C TYR A 96 -7.77 21.51 14.88
N GLY A 97 -8.07 20.60 13.97
CA GLY A 97 -9.26 20.73 13.14
C GLY A 97 -10.58 20.95 13.85
N LYS A 98 -11.46 21.73 13.22
CA LYS A 98 -12.78 22.02 13.73
C LYS A 98 -13.84 21.41 12.80
N VAL A 99 -13.48 21.24 11.53
CA VAL A 99 -14.40 20.58 10.61
C VAL A 99 -13.78 19.34 9.97
N VAL A 100 -14.64 18.47 9.42
CA VAL A 100 -14.21 17.22 8.78
C VAL A 100 -13.17 17.50 7.69
N GLY A 101 -13.35 18.59 6.96
CA GLY A 101 -12.38 19.03 5.97
C GLY A 101 -10.96 19.08 6.52
N ASP A 102 -10.80 19.46 7.79
CA ASP A 102 -9.47 19.52 8.37
C ASP A 102 -8.87 18.15 8.64
N LEU A 103 -9.71 17.12 8.76
CA LEU A 103 -9.25 15.80 9.20
C LEU A 103 -9.26 14.73 8.10
N MET A 104 -10.15 14.88 7.12
CA MET A 104 -10.40 13.84 6.12
C MET A 104 -9.21 13.56 5.22
N THR A 105 -9.20 12.38 4.63
CA THR A 105 -8.26 12.11 3.54
C THR A 105 -9.04 12.47 2.28
N PRO A 106 -8.51 13.41 1.47
CA PRO A 106 -9.32 13.76 0.28
C PRO A 106 -9.09 12.72 -0.81
N SER A 107 -9.97 12.69 -1.81
CA SER A 107 -9.81 11.76 -2.94
C SER A 107 -9.40 10.33 -2.56
N PRO A 108 -10.26 9.60 -1.85
CA PRO A 108 -9.85 8.25 -1.45
C PRO A 108 -9.83 7.28 -2.62
N LEU A 109 -9.18 6.13 -2.45
CA LEU A 109 -9.30 5.05 -3.42
C LEU A 109 -10.73 4.53 -3.34
N VAL A 110 -11.29 4.19 -4.50
CA VAL A 110 -12.68 3.75 -4.58
C VAL A 110 -12.83 2.61 -5.57
N VAL A 111 -13.98 1.92 -5.46
CA VAL A 111 -14.37 0.89 -6.42
C VAL A 111 -15.77 1.18 -6.97
N ARG A 112 -16.12 0.42 -8.02
CA ARG A 112 -17.46 0.48 -8.61
C ARG A 112 -18.31 -0.65 -8.04
N ASP A 113 -19.63 -0.51 -8.06
CA ASP A 113 -20.50 -1.58 -7.57
C ASP A 113 -20.41 -2.86 -8.41
N SER A 114 -19.93 -2.71 -9.64
CA SER A 114 -19.78 -3.85 -10.57
C SER A 114 -18.36 -4.35 -10.57
N THR A 115 -17.50 -3.74 -9.76
CA THR A 115 -16.16 -4.28 -9.56
C THR A 115 -16.28 -5.69 -8.98
N ASN A 116 -15.46 -6.63 -9.47
CA ASN A 116 -15.47 -7.99 -8.94
C ASN A 116 -15.10 -8.01 -7.46
N LEU A 117 -15.83 -8.79 -6.67
CA LEU A 117 -15.58 -8.85 -5.21
C LEU A 117 -14.13 -9.21 -4.91
N GLU A 118 -13.58 -10.20 -5.61
CA GLU A 118 -12.19 -10.61 -5.36
C GLU A 118 -11.15 -9.52 -5.66
N ASP A 119 -11.39 -8.69 -6.67
CA ASP A 119 -10.53 -7.55 -6.96
C ASP A 119 -10.57 -6.53 -5.81
N ALA A 120 -11.78 -6.26 -5.31
CA ALA A 120 -11.94 -5.36 -4.17
C ALA A 120 -11.20 -5.92 -2.96
N ALA A 121 -11.39 -7.21 -2.72
CA ALA A 121 -10.75 -7.93 -1.64
C ALA A 121 -9.23 -7.77 -1.73
N ARG A 122 -8.68 -8.01 -2.91
CA ARG A 122 -7.24 -7.84 -3.09
C ARG A 122 -6.80 -6.41 -2.82
N LEU A 123 -7.65 -5.46 -3.20
CA LEU A 123 -7.32 -4.05 -2.97
C LEU A 123 -7.28 -3.74 -1.46
N LEU A 124 -8.21 -4.35 -0.73
CA LEU A 124 -8.27 -4.19 0.72
C LEU A 124 -7.04 -4.81 1.39
N LEU A 125 -6.56 -5.92 0.82
CA LEU A 125 -5.36 -6.57 1.34
C LEU A 125 -4.11 -5.74 1.05
N GLU A 126 -4.00 -5.19 -0.14
CA GLU A 126 -2.81 -4.40 -0.43
C GLU A 126 -2.76 -3.09 0.38
N THR A 127 -3.89 -2.39 0.48
CA THR A 127 -3.87 -1.08 1.08
C THR A 127 -4.05 -1.13 2.58
N LYS A 128 -4.60 -2.24 3.06
CA LYS A 128 -4.99 -2.39 4.45
C LYS A 128 -6.08 -1.44 4.94
N PHE A 129 -6.72 -0.70 4.04
CA PHE A 129 -7.81 0.21 4.46
C PHE A 129 -8.95 -0.57 5.08
N ARG A 130 -9.67 0.05 6.02
CA ARG A 130 -10.87 -0.59 6.57
C ARG A 130 -12.02 -0.66 5.55
N ARG A 131 -12.11 0.34 4.69
CA ARG A 131 -13.26 0.44 3.79
C ARG A 131 -12.90 1.00 2.40
N LEU A 132 -13.66 0.58 1.40
CA LEU A 132 -13.64 1.18 0.07
C LEU A 132 -14.98 1.82 -0.18
N PRO A 133 -14.98 3.14 -0.28
CA PRO A 133 -16.22 3.83 -0.67
C PRO A 133 -16.52 3.39 -2.12
N VAL A 134 -17.80 3.20 -2.41
CA VAL A 134 -18.25 2.70 -3.71
C VAL A 134 -18.98 3.83 -4.40
N VAL A 135 -18.55 4.18 -5.61
CA VAL A 135 -19.11 5.31 -6.36
C VAL A 135 -19.64 4.89 -7.73
N ASP A 136 -20.51 5.69 -8.34
CA ASP A 136 -20.96 5.37 -9.71
C ASP A 136 -19.95 5.95 -10.72
N ALA A 137 -20.33 5.94 -12.01
CA ALA A 137 -19.46 6.43 -13.09
C ALA A 137 -19.13 7.93 -12.98
N ASP A 138 -20.01 8.68 -12.32
CA ASP A 138 -19.82 10.11 -12.16
C ASP A 138 -19.31 10.49 -10.79
N GLY A 139 -18.84 9.53 -10.01
CA GLY A 139 -18.16 9.85 -8.76
C GLY A 139 -19.06 10.15 -7.58
N LYS A 140 -20.35 9.89 -7.77
CA LYS A 140 -21.32 9.98 -6.70
C LYS A 140 -21.23 8.74 -5.82
N LEU A 141 -21.38 8.96 -4.51
CA LEU A 141 -21.33 7.89 -3.51
C LEU A 141 -22.58 6.99 -3.57
N ILE A 142 -22.37 5.70 -3.79
CA ILE A 142 -23.48 4.75 -3.82
C ILE A 142 -23.34 3.59 -2.83
N GLY A 143 -22.22 3.52 -2.11
CA GLY A 143 -22.07 2.45 -1.13
C GLY A 143 -20.77 2.51 -0.32
N ILE A 144 -20.65 1.59 0.64
CA ILE A 144 -19.39 1.37 1.36
C ILE A 144 -19.13 -0.13 1.43
N LEU A 145 -17.97 -0.58 0.98
CA LEU A 145 -17.56 -1.97 1.20
C LEU A 145 -16.48 -2.02 2.29
N THR A 146 -16.81 -2.60 3.43
CA THR A 146 -15.78 -2.74 4.50
C THR A 146 -15.07 -4.07 4.41
N ARG A 147 -14.00 -4.18 5.19
CA ARG A 147 -13.35 -5.47 5.37
C ARG A 147 -14.36 -6.50 5.90
N GLY A 148 -15.18 -6.08 6.87
CA GLY A 148 -16.20 -6.95 7.42
C GLY A 148 -17.17 -7.50 6.37
N ASN A 149 -17.59 -6.65 5.43
CA ASN A 149 -18.46 -7.12 4.35
C ASN A 149 -17.78 -8.22 3.56
N VAL A 150 -16.47 -8.05 3.33
CA VAL A 150 -15.76 -9.04 2.54
C VAL A 150 -15.64 -10.35 3.30
N VAL A 151 -15.29 -10.29 4.59
CA VAL A 151 -15.12 -11.56 5.31
C VAL A 151 -16.45 -12.30 5.46
N ARG A 152 -17.53 -11.54 5.63
CA ARG A 152 -18.85 -12.13 5.61
C ARG A 152 -19.08 -12.84 4.27
N ALA A 153 -18.73 -12.17 3.19
CA ALA A 153 -18.88 -12.78 1.87
C ALA A 153 -18.11 -14.09 1.85
N ALA A 154 -16.91 -14.08 2.44
CA ALA A 154 -16.06 -15.25 2.45
C ALA A 154 -16.74 -16.40 3.18
N LEU A 155 -17.48 -16.07 4.24
CA LEU A 155 -18.22 -17.10 4.94
C LEU A 155 -19.40 -17.61 4.12
N GLN A 156 -20.11 -16.71 3.45
CA GLN A 156 -21.31 -17.09 2.67
C GLN A 156 -20.99 -18.20 1.65
N ILE A 157 -19.75 -18.26 1.21
CA ILE A 157 -19.26 -19.47 0.55
C ILE A 157 -19.08 -20.61 1.61
N LYS A 158 -20.17 -20.85 2.34
CA LYS A 158 -20.38 -22.03 3.18
C LYS A 158 -20.90 -23.08 2.23
N ARG A 159 -21.32 -22.60 1.07
CA ARG A 159 -21.79 -23.45 -0.01
C ARG A 159 -20.63 -24.00 -0.82
N GLY B 3 -5.66 12.74 32.88
CA GLY B 3 -5.72 11.76 33.94
C GLY B 3 -6.70 10.62 33.69
N TYR B 4 -6.91 10.28 32.43
CA TYR B 4 -7.77 9.13 32.08
C TYR B 4 -6.94 7.92 31.70
N THR B 5 -7.44 6.74 32.02
CA THR B 5 -6.64 5.53 31.78
C THR B 5 -7.35 4.57 30.86
N VAL B 6 -6.56 3.67 30.27
CA VAL B 6 -7.12 2.58 29.51
C VAL B 6 -8.23 1.85 30.27
N GLY B 7 -7.98 1.52 31.54
CA GLY B 7 -8.98 0.83 32.36
C GLY B 7 -10.34 1.53 32.38
N ASP B 8 -10.32 2.87 32.41
CA ASP B 8 -11.54 3.67 32.37
C ASP B 8 -12.45 3.39 31.14
N PHE B 9 -11.85 3.03 30.00
CA PHE B 9 -12.62 3.02 28.74
C PHE B 9 -12.47 1.78 27.86
N MET B 10 -11.62 0.84 28.25
CA MET B 10 -11.49 -0.42 27.54
C MET B 10 -12.78 -1.23 27.51
N THR B 11 -12.88 -2.10 26.50
CA THR B 11 -13.89 -3.14 26.50
C THR B 11 -13.43 -4.23 27.44
N PRO B 12 -14.17 -4.43 28.56
CA PRO B 12 -13.76 -5.39 29.59
C PRO B 12 -13.85 -6.85 29.17
N ARG B 13 -13.11 -7.70 29.88
CA ARG B 13 -13.06 -9.14 29.66
C ARG B 13 -14.44 -9.79 29.48
N GLN B 14 -15.43 -9.36 30.25
CA GLN B 14 -16.72 -10.03 30.27
C GLN B 14 -17.47 -9.88 28.95
N ASN B 15 -17.14 -8.81 28.20
CA ASN B 15 -17.72 -8.56 26.89
C ASN B 15 -16.99 -9.19 25.69
N LEU B 16 -15.89 -9.90 25.92
CA LEU B 16 -15.02 -10.28 24.81
C LEU B 16 -15.32 -11.64 24.18
N HIS B 17 -15.06 -11.74 22.89
CA HIS B 17 -15.14 -13.03 22.25
C HIS B 17 -13.71 -13.49 21.95
N VAL B 18 -13.30 -14.58 22.59
CA VAL B 18 -11.93 -15.05 22.46
C VAL B 18 -11.87 -16.40 21.78
N VAL B 19 -10.67 -16.78 21.36
CA VAL B 19 -10.46 -18.10 20.77
C VAL B 19 -9.14 -18.67 21.33
N LYS B 20 -8.88 -19.95 21.09
CA LYS B 20 -7.65 -20.54 21.59
C LYS B 20 -6.80 -20.94 20.39
N PRO B 21 -5.51 -21.26 20.60
CA PRO B 21 -4.70 -21.59 19.43
C PRO B 21 -5.22 -22.81 18.70
N SER B 22 -5.86 -23.73 19.41
CA SER B 22 -6.43 -24.92 18.80
C SER B 22 -7.79 -24.70 18.12
N THR B 23 -8.38 -23.52 18.30
CA THR B 23 -9.64 -23.19 17.63
C THR B 23 -9.43 -23.24 16.12
N SER B 24 -10.34 -23.89 15.39
CA SER B 24 -10.21 -23.94 13.94
C SER B 24 -10.38 -22.55 13.34
N VAL B 25 -9.63 -22.30 12.28
CA VAL B 25 -9.75 -21.07 11.50
C VAL B 25 -11.16 -20.83 10.99
N ASP B 26 -11.84 -21.89 10.56
CA ASP B 26 -13.22 -21.75 10.09
C ASP B 26 -14.15 -21.29 11.22
N ASP B 27 -14.00 -21.92 12.39
CA ASP B 27 -14.73 -21.49 13.58
C ASP B 27 -14.47 -20.02 13.90
N ALA B 28 -13.21 -19.63 13.89
CA ALA B 28 -12.89 -18.25 14.20
C ALA B 28 -13.58 -17.33 13.19
N LEU B 29 -13.54 -17.71 11.91
CA LEU B 29 -14.21 -16.92 10.88
C LEU B 29 -15.70 -16.72 11.18
N GLU B 30 -16.37 -17.80 11.56
CA GLU B 30 -17.77 -17.74 11.99
C GLU B 30 -17.98 -16.84 13.20
N LEU B 31 -17.16 -17.00 14.22
CA LEU B 31 -17.29 -16.17 15.42
C LEU B 31 -17.23 -14.69 15.03
N LEU B 32 -16.22 -14.37 14.21
CA LEU B 32 -15.96 -12.99 13.81
C LEU B 32 -17.16 -12.41 13.12
N VAL B 33 -17.67 -13.14 12.12
CA VAL B 33 -18.83 -12.70 11.38
C VAL B 33 -20.07 -12.54 12.27
N GLU B 34 -20.37 -13.60 13.02
CA GLU B 34 -21.60 -13.68 13.81
C GLU B 34 -21.67 -12.66 14.93
N LYS B 35 -20.55 -12.39 15.60
CA LYS B 35 -20.51 -11.39 16.67
C LYS B 35 -20.13 -10.01 16.15
N LYS B 36 -19.84 -9.91 14.85
CA LYS B 36 -19.57 -8.63 14.20
C LYS B 36 -18.44 -7.91 14.90
N VAL B 37 -17.27 -8.52 14.92
CA VAL B 37 -16.09 -7.86 15.46
C VAL B 37 -15.00 -8.00 14.43
N THR B 38 -13.98 -7.16 14.52
CA THR B 38 -12.97 -7.10 13.48
C THR B 38 -11.73 -7.94 13.76
N GLY B 39 -11.69 -8.54 14.95
CA GLY B 39 -10.52 -9.31 15.36
C GLY B 39 -10.85 -10.03 16.67
N LEU B 40 -10.05 -11.02 17.03
CA LEU B 40 -10.29 -11.81 18.22
C LEU B 40 -8.98 -11.96 18.97
N PRO B 41 -9.00 -11.77 20.31
CA PRO B 41 -7.82 -12.13 21.12
C PRO B 41 -7.71 -13.64 21.27
N VAL B 42 -6.47 -14.14 21.30
CA VAL B 42 -6.22 -15.56 21.49
C VAL B 42 -5.59 -15.76 22.85
N ILE B 43 -6.20 -16.68 23.63
CA ILE B 43 -5.74 -16.97 24.97
C ILE B 43 -5.44 -18.46 25.07
N ASP B 44 -4.68 -18.87 26.09
CA ASP B 44 -4.58 -20.29 26.42
C ASP B 44 -5.61 -20.65 27.48
N ASP B 45 -5.48 -21.83 28.07
CA ASP B 45 -6.46 -22.31 29.02
C ASP B 45 -6.50 -21.52 30.32
N ASN B 46 -5.42 -20.81 30.62
CA ASN B 46 -5.32 -20.02 31.85
C ASN B 46 -5.58 -18.56 31.61
N TRP B 47 -6.14 -18.24 30.44
CA TRP B 47 -6.44 -16.86 30.05
C TRP B 47 -5.21 -15.97 29.86
N THR B 48 -4.06 -16.59 29.61
CA THR B 48 -2.86 -15.84 29.26
C THR B 48 -3.02 -15.41 27.82
N LEU B 49 -2.84 -14.14 27.55
CA LEU B 49 -2.98 -13.67 26.16
C LEU B 49 -1.80 -14.16 25.32
N VAL B 50 -2.07 -15.02 24.35
CA VAL B 50 -0.99 -15.51 23.50
C VAL B 50 -1.05 -15.01 22.06
N GLY B 51 -2.15 -14.41 21.63
CA GLY B 51 -2.17 -13.96 20.26
C GLY B 51 -3.26 -12.97 19.91
N VAL B 52 -3.15 -12.39 18.71
CA VAL B 52 -4.26 -11.68 18.11
C VAL B 52 -4.50 -12.24 16.70
N VAL B 53 -5.75 -12.46 16.37
CA VAL B 53 -6.04 -12.83 15.00
C VAL B 53 -7.11 -11.88 14.46
N SER B 54 -6.78 -11.24 13.34
CA SER B 54 -7.55 -10.13 12.79
C SER B 54 -8.37 -10.63 11.61
N ASP B 55 -9.47 -9.94 11.29
CA ASP B 55 -10.13 -10.17 10.00
C ASP B 55 -9.15 -9.99 8.83
N TYR B 56 -8.11 -9.17 9.02
CA TYR B 56 -7.06 -9.07 7.99
C TYR B 56 -6.33 -10.40 7.75
N ASP B 57 -5.97 -11.09 8.84
CA ASP B 57 -5.23 -12.35 8.77
C ASP B 57 -6.05 -13.43 8.06
N LEU B 58 -7.33 -13.49 8.44
CA LEU B 58 -8.29 -14.41 7.81
C LEU B 58 -8.46 -14.10 6.32
N LEU B 59 -8.62 -12.83 6.00
CA LEU B 59 -8.71 -12.37 4.63
C LEU B 59 -7.48 -12.78 3.82
N ALA B 60 -6.30 -12.63 4.40
CA ALA B 60 -5.05 -12.95 3.71
C ALA B 60 -4.96 -14.44 3.44
N LEU B 61 -5.31 -15.22 4.40
CA LEU B 61 -5.09 -16.62 4.29
C LEU B 61 -6.04 -17.24 3.27
N ASP B 62 -7.24 -16.75 3.13
CA ASP B 62 -8.15 -17.20 2.08
C ASP B 62 -7.50 -17.02 0.70
N PHE B 85 8.87 -26.27 -6.50
CA PHE B 85 8.70 -26.25 -5.05
C PHE B 85 7.26 -26.48 -4.66
N ASN B 86 6.49 -26.89 -5.65
CA ASN B 86 5.08 -27.22 -5.47
C ASN B 86 4.86 -28.10 -4.23
N GLU B 87 5.73 -29.09 -4.06
CA GLU B 87 5.62 -30.04 -2.96
C GLU B 87 5.71 -29.37 -1.57
N LEU B 88 6.72 -28.52 -1.40
CA LEU B 88 6.90 -27.81 -0.13
C LEU B 88 5.68 -26.95 0.17
N GLN B 89 5.26 -26.18 -0.83
CA GLN B 89 4.13 -25.28 -0.72
C GLN B 89 2.85 -26.01 -0.30
N LYS B 90 2.58 -27.13 -0.97
CA LYS B 90 1.48 -28.02 -0.61
C LYS B 90 1.57 -28.42 0.85
N LEU B 91 2.72 -29.00 1.20
CA LEU B 91 2.92 -29.47 2.56
C LEU B 91 2.58 -28.36 3.55
N ILE B 92 3.07 -27.16 3.27
CA ILE B 92 2.81 -26.01 4.11
C ILE B 92 1.30 -25.69 4.17
N SER B 93 0.62 -25.90 3.04
CA SER B 93 -0.83 -25.68 2.95
C SER B 93 -1.60 -26.61 3.89
N LYS B 94 -1.30 -27.91 3.82
CA LYS B 94 -1.96 -28.90 4.67
C LYS B 94 -1.61 -28.75 6.16
N THR B 95 -0.35 -28.45 6.45
CA THR B 95 0.13 -28.40 7.84
C THR B 95 -0.33 -27.14 8.57
N TYR B 96 -0.40 -26.02 7.86
CA TYR B 96 -0.81 -24.77 8.49
C TYR B 96 -2.10 -24.23 7.89
N GLY B 97 -2.62 -23.16 8.47
CA GLY B 97 -3.86 -22.58 7.96
C GLY B 97 -5.06 -23.41 8.36
N LYS B 98 -4.86 -24.25 9.37
CA LYS B 98 -5.95 -25.06 9.91
C LYS B 98 -6.50 -24.51 11.24
N VAL B 99 -5.61 -24.20 12.18
CA VAL B 99 -6.02 -23.68 13.49
C VAL B 99 -5.51 -22.25 13.72
N VAL B 100 -6.19 -21.55 14.65
CA VAL B 100 -5.84 -20.18 15.00
C VAL B 100 -4.39 -20.02 15.42
N GLY B 101 -3.87 -20.98 16.19
CA GLY B 101 -2.51 -20.92 16.67
C GLY B 101 -1.46 -20.65 15.60
N ASP B 102 -1.72 -21.11 14.39
CA ASP B 102 -0.76 -20.90 13.32
C ASP B 102 -1.03 -19.61 12.55
N LEU B 103 -2.20 -19.02 12.76
CA LEU B 103 -2.58 -17.81 12.01
C LEU B 103 -2.45 -16.52 12.84
N MET B 104 -2.55 -16.65 14.16
CA MET B 104 -2.50 -15.48 15.03
C MET B 104 -1.16 -14.81 14.89
N THR B 105 -1.11 -13.51 15.14
CA THR B 105 0.17 -12.86 15.36
C THR B 105 0.57 -13.18 16.78
N PRO B 106 1.79 -13.67 16.99
CA PRO B 106 2.20 -14.00 18.37
C PRO B 106 2.65 -12.74 19.10
N SER B 107 2.81 -12.82 20.43
CA SER B 107 3.32 -11.69 21.23
C SER B 107 2.80 -10.32 20.87
N PRO B 108 1.49 -10.10 20.95
CA PRO B 108 0.87 -8.85 20.52
C PRO B 108 1.38 -7.67 21.31
N LEU B 109 1.25 -6.47 20.76
CA LEU B 109 1.50 -5.26 21.54
C LEU B 109 0.29 -5.05 22.46
N VAL B 110 0.57 -4.90 23.76
CA VAL B 110 -0.49 -4.78 24.73
C VAL B 110 -0.33 -3.55 25.65
N VAL B 111 -1.39 -3.19 26.39
CA VAL B 111 -1.30 -2.13 27.38
C VAL B 111 -1.84 -2.64 28.72
N ARG B 112 -1.80 -1.79 29.76
CA ARG B 112 -2.32 -2.14 31.09
C ARG B 112 -3.51 -1.24 31.38
N ASP B 113 -4.28 -1.55 32.42
CA ASP B 113 -5.44 -0.72 32.71
C ASP B 113 -5.00 0.66 33.25
N SER B 114 -3.74 0.74 33.64
CA SER B 114 -3.18 1.97 34.21
C SER B 114 -2.52 2.84 33.13
N THR B 115 -2.34 2.29 31.94
CA THR B 115 -1.81 3.07 30.82
C THR B 115 -2.67 4.31 30.56
N ASN B 116 -2.03 5.47 30.44
CA ASN B 116 -2.77 6.70 30.13
C ASN B 116 -3.52 6.56 28.81
N LEU B 117 -4.74 7.06 28.75
CA LEU B 117 -5.57 6.91 27.55
C LEU B 117 -4.89 7.60 26.40
N GLU B 118 -4.26 8.74 26.66
CA GLU B 118 -3.54 9.44 25.59
C GLU B 118 -2.35 8.67 25.02
N ASP B 119 -1.57 7.99 25.87
CA ASP B 119 -0.45 7.21 25.35
C ASP B 119 -0.94 6.05 24.51
N ALA B 120 -2.03 5.42 24.94
CA ALA B 120 -2.62 4.32 24.19
C ALA B 120 -3.18 4.82 22.86
N ALA B 121 -3.84 5.97 22.88
CA ALA B 121 -4.34 6.57 21.64
C ALA B 121 -3.18 6.77 20.70
N ARG B 122 -2.07 7.26 21.25
CA ARG B 122 -0.88 7.55 20.45
C ARG B 122 -0.25 6.27 19.91
N LEU B 123 -0.36 5.17 20.66
CA LEU B 123 0.12 3.87 20.17
C LEU B 123 -0.77 3.36 19.03
N LEU B 124 -2.06 3.63 19.12
CA LEU B 124 -2.97 3.24 18.05
C LEU B 124 -2.57 4.03 16.80
N LEU B 125 -2.29 5.33 16.97
CA LEU B 125 -1.83 6.19 15.88
C LEU B 125 -0.53 5.67 15.23
N GLU B 126 0.45 5.35 16.07
CA GLU B 126 1.75 4.86 15.58
C GLU B 126 1.66 3.53 14.86
N THR B 127 0.99 2.57 15.49
CA THR B 127 1.00 1.21 14.97
C THR B 127 -0.05 0.98 13.89
N LYS B 128 -1.12 1.78 13.92
CA LYS B 128 -2.29 1.60 13.05
C LYS B 128 -3.13 0.38 13.41
N PHE B 129 -2.75 -0.32 14.49
CA PHE B 129 -3.49 -1.49 14.95
C PHE B 129 -4.93 -1.14 15.32
N ARG B 130 -5.84 -2.10 15.13
CA ARG B 130 -7.24 -1.84 15.41
C ARG B 130 -7.54 -1.87 16.91
N ARG B 131 -6.80 -2.72 17.61
CA ARG B 131 -7.04 -2.99 19.02
C ARG B 131 -5.70 -3.21 19.71
N LEU B 132 -5.58 -2.74 20.95
CA LEU B 132 -4.49 -3.16 21.82
C LEU B 132 -5.15 -3.99 22.91
N PRO B 133 -4.82 -5.29 22.99
CA PRO B 133 -5.35 -6.06 24.11
C PRO B 133 -4.82 -5.50 25.44
N VAL B 134 -5.63 -5.56 26.49
CA VAL B 134 -5.22 -5.11 27.82
C VAL B 134 -5.03 -6.34 28.74
N VAL B 135 -3.86 -6.39 29.38
CA VAL B 135 -3.48 -7.53 30.23
C VAL B 135 -3.11 -7.08 31.61
N ASP B 136 -3.21 -7.98 32.57
CA ASP B 136 -2.78 -7.62 33.92
C ASP B 136 -1.30 -7.92 34.10
N ALA B 137 -0.85 -7.82 35.35
CA ALA B 137 0.55 -8.09 35.71
C ALA B 137 1.04 -9.48 35.31
N ASP B 138 0.15 -10.47 35.35
CA ASP B 138 0.51 -11.83 34.99
C ASP B 138 0.28 -12.14 33.50
N GLY B 139 0.03 -11.12 32.67
CA GLY B 139 -0.24 -11.34 31.24
C GLY B 139 -1.59 -11.94 30.86
N LYS B 140 -2.54 -11.90 31.79
CA LYS B 140 -3.85 -12.46 31.58
C LYS B 140 -4.72 -11.41 30.88
N LEU B 141 -5.51 -11.83 29.90
CA LEU B 141 -6.34 -10.89 29.15
C LEU B 141 -7.42 -10.31 30.05
N ILE B 142 -7.47 -8.99 30.19
CA ILE B 142 -8.53 -8.41 30.99
C ILE B 142 -9.37 -7.42 30.21
N GLY B 143 -8.95 -7.11 28.99
CA GLY B 143 -9.76 -6.22 28.21
C GLY B 143 -9.20 -6.07 26.81
N ILE B 144 -9.82 -5.16 26.06
CA ILE B 144 -9.35 -4.77 24.76
C ILE B 144 -9.58 -3.28 24.67
N LEU B 145 -8.61 -2.53 24.17
CA LEU B 145 -8.81 -1.12 23.92
C LEU B 145 -8.78 -0.91 22.42
N THR B 146 -9.92 -0.55 21.83
CA THR B 146 -10.00 -0.31 20.39
C THR B 146 -10.01 1.19 20.10
N ARG B 147 -9.86 1.53 18.82
CA ARG B 147 -10.05 2.90 18.36
C ARG B 147 -11.42 3.42 18.79
N GLY B 148 -12.45 2.58 18.61
CA GLY B 148 -13.80 2.91 19.02
C GLY B 148 -13.87 3.29 20.47
N ASN B 149 -13.24 2.49 21.34
CA ASN B 149 -13.17 2.82 22.76
C ASN B 149 -12.62 4.23 22.93
N VAL B 150 -11.49 4.54 22.28
CA VAL B 150 -10.89 5.87 22.46
C VAL B 150 -11.80 7.00 21.96
N VAL B 151 -12.39 6.82 20.78
CA VAL B 151 -13.30 7.81 20.22
C VAL B 151 -14.52 8.07 21.12
N ARG B 152 -15.04 6.99 21.68
CA ARG B 152 -16.18 7.05 22.60
C ARG B 152 -15.79 7.78 23.86
N ALA B 153 -14.61 7.47 24.36
CA ALA B 153 -14.09 8.15 25.52
C ALA B 153 -14.08 9.66 25.24
N ALA B 154 -13.58 10.05 24.08
CA ALA B 154 -13.59 11.48 23.73
C ALA B 154 -15.00 12.08 23.74
N LEU B 155 -15.98 11.34 23.23
CA LEU B 155 -17.35 11.85 23.25
C LEU B 155 -17.84 12.04 24.68
N GLN B 156 -17.84 10.95 25.44
CA GLN B 156 -18.29 10.95 26.84
C GLN B 156 -17.63 12.04 27.69
N ILE B 157 -16.33 12.21 27.49
CA ILE B 157 -15.58 13.21 28.22
C ILE B 157 -16.00 14.63 27.82
N LYS B 158 -16.02 14.90 26.52
CA LYS B 158 -16.48 16.22 26.07
C LYS B 158 -17.84 16.58 26.68
N ARG B 159 -18.80 15.66 26.59
CA ARG B 159 -20.10 15.84 27.22
C ARG B 159 -19.94 16.05 28.73
N GLY C 3 -11.85 14.00 -17.34
CA GLY C 3 -12.81 13.04 -17.83
C GLY C 3 -12.16 11.87 -18.56
N TYR C 4 -10.83 11.84 -18.59
CA TYR C 4 -10.07 10.82 -19.32
C TYR C 4 -10.01 9.46 -18.60
N THR C 5 -9.73 8.41 -19.37
CA THR C 5 -9.70 7.04 -18.84
C THR C 5 -8.38 6.31 -19.14
N VAL C 6 -8.20 5.16 -18.49
CA VAL C 6 -7.02 4.31 -18.65
C VAL C 6 -6.78 3.94 -20.12
N GLY C 7 -7.87 3.63 -20.82
CA GLY C 7 -7.82 3.26 -22.22
C GLY C 7 -7.20 4.32 -23.13
N ASP C 8 -7.34 5.58 -22.74
CA ASP C 8 -6.81 6.68 -23.52
C ASP C 8 -5.27 6.75 -23.54
N PHE C 9 -4.62 6.07 -22.60
CA PHE C 9 -3.17 6.21 -22.47
C PHE C 9 -2.43 4.91 -22.25
N MET C 10 -3.19 3.85 -22.01
CA MET C 10 -2.62 2.52 -21.82
C MET C 10 -1.90 2.02 -23.08
N THR C 11 -0.79 1.33 -22.90
CA THR C 11 -0.17 0.63 -24.01
C THR C 11 -1.10 -0.53 -24.39
N PRO C 12 -1.56 -0.56 -25.64
CA PRO C 12 -2.66 -1.45 -26.07
C PRO C 12 -2.23 -2.89 -26.30
N ARG C 13 -3.20 -3.79 -26.36
CA ARG C 13 -2.95 -5.24 -26.40
C ARG C 13 -1.91 -5.69 -27.43
N GLN C 14 -2.02 -5.17 -28.66
CA GLN C 14 -1.14 -5.56 -29.75
C GLN C 14 0.33 -5.22 -29.46
N ASN C 15 0.57 -4.17 -28.69
CA ASN C 15 1.94 -3.73 -28.44
C ASN C 15 2.59 -4.38 -27.20
N LEU C 16 1.83 -5.23 -26.51
CA LEU C 16 2.28 -5.83 -25.26
C LEU C 16 3.21 -7.02 -25.49
N HIS C 17 4.20 -7.15 -24.60
CA HIS C 17 5.09 -8.30 -24.61
C HIS C 17 4.73 -9.22 -23.44
N VAL C 18 3.99 -10.29 -23.71
CA VAL C 18 3.43 -11.13 -22.66
C VAL C 18 4.27 -12.40 -22.39
N VAL C 19 3.98 -13.08 -21.27
CA VAL C 19 4.61 -14.36 -20.95
C VAL C 19 3.61 -15.23 -20.21
N LYS C 20 3.98 -16.48 -19.96
CA LYS C 20 3.10 -17.43 -19.29
C LYS C 20 3.86 -18.00 -18.10
N PRO C 21 3.13 -18.64 -17.15
CA PRO C 21 3.83 -19.17 -15.97
C PRO C 21 4.87 -20.20 -16.37
N SER C 22 4.58 -20.93 -17.45
CA SER C 22 5.46 -21.98 -17.93
C SER C 22 6.71 -21.40 -18.55
N THR C 23 6.67 -20.12 -18.94
CA THR C 23 7.85 -19.50 -19.56
C THR C 23 9.07 -19.63 -18.66
N SER C 24 10.22 -19.91 -19.28
CA SER C 24 11.44 -20.04 -18.51
C SER C 24 11.92 -18.68 -18.01
N VAL C 25 12.58 -18.69 -16.85
CA VAL C 25 13.17 -17.49 -16.30
C VAL C 25 14.15 -16.87 -17.30
N ASP C 26 14.95 -17.71 -17.96
CA ASP C 26 15.90 -17.24 -18.98
C ASP C 26 15.21 -16.49 -20.13
N ASP C 27 14.09 -17.03 -20.59
CA ASP C 27 13.37 -16.41 -21.70
C ASP C 27 12.85 -15.06 -21.30
N ALA C 28 12.12 -15.02 -20.19
CA ALA C 28 11.54 -13.77 -19.72
C ALA C 28 12.63 -12.73 -19.47
N LEU C 29 13.75 -13.13 -18.85
CA LEU C 29 14.87 -12.20 -18.65
C LEU C 29 15.34 -11.62 -19.97
N GLU C 30 15.68 -12.51 -20.92
CA GLU C 30 16.05 -12.10 -22.27
C GLU C 30 15.02 -11.14 -22.87
N LEU C 31 13.75 -11.37 -22.57
CA LEU C 31 12.65 -10.64 -23.18
C LEU C 31 12.56 -9.23 -22.62
N LEU C 32 12.76 -9.12 -21.31
CA LEU C 32 12.82 -7.84 -20.61
C LEU C 32 13.98 -7.01 -21.11
N VAL C 33 15.16 -7.62 -21.16
CA VAL C 33 16.38 -6.89 -21.47
C VAL C 33 16.46 -6.49 -22.94
N GLU C 34 16.11 -7.41 -23.84
CA GLU C 34 16.05 -7.08 -25.26
C GLU C 34 14.97 -6.04 -25.56
N LYS C 35 13.77 -6.21 -25.00
CA LYS C 35 12.68 -5.27 -25.29
C LYS C 35 12.66 -4.06 -24.35
N LYS C 36 13.70 -3.95 -23.53
CA LYS C 36 13.88 -2.82 -22.60
C LYS C 36 12.62 -2.44 -21.83
N VAL C 37 11.91 -3.43 -21.31
CA VAL C 37 10.77 -3.11 -20.47
C VAL C 37 11.10 -3.52 -19.04
N THR C 38 10.37 -2.94 -18.09
CA THR C 38 10.64 -3.18 -16.68
C THR C 38 9.79 -4.29 -16.07
N GLY C 39 8.75 -4.72 -16.80
CA GLY C 39 7.90 -5.81 -16.34
C GLY C 39 7.03 -6.39 -17.45
N LEU C 40 6.46 -7.57 -17.20
CA LEU C 40 5.65 -8.28 -18.19
C LEU C 40 4.38 -8.81 -17.54
N PRO C 41 3.26 -8.72 -18.27
CA PRO C 41 2.05 -9.39 -17.77
C PRO C 41 2.20 -10.90 -17.97
N VAL C 42 1.61 -11.68 -17.07
CA VAL C 42 1.58 -13.12 -17.20
C VAL C 42 0.14 -13.58 -17.47
N ILE C 43 -0.04 -14.24 -18.61
CA ILE C 43 -1.36 -14.73 -19.05
C ILE C 43 -1.35 -16.23 -19.30
N ASP C 44 -2.51 -16.88 -19.23
CA ASP C 44 -2.62 -18.27 -19.66
C ASP C 44 -2.85 -18.34 -21.18
N ASP C 45 -3.30 -19.50 -21.65
CA ASP C 45 -3.50 -19.71 -23.08
C ASP C 45 -4.72 -18.93 -23.61
N ASN C 46 -5.73 -18.79 -22.76
CA ASN C 46 -6.94 -18.03 -23.11
C ASN C 46 -6.76 -16.52 -23.01
N TRP C 47 -5.52 -16.09 -22.82
CA TRP C 47 -5.22 -14.68 -22.57
C TRP C 47 -5.83 -14.12 -21.28
N THR C 48 -6.00 -14.99 -20.29
CA THR C 48 -6.46 -14.54 -18.98
C THR C 48 -5.28 -14.09 -18.11
N LEU C 49 -5.34 -12.85 -17.63
CA LEU C 49 -4.30 -12.28 -16.77
C LEU C 49 -4.17 -13.07 -15.48
N VAL C 50 -3.01 -13.70 -15.26
CA VAL C 50 -2.85 -14.50 -14.05
C VAL C 50 -1.73 -14.00 -13.15
N GLY C 51 -0.87 -13.16 -13.68
CA GLY C 51 0.18 -12.61 -12.85
C GLY C 51 0.87 -11.41 -13.47
N VAL C 52 1.80 -10.82 -12.72
CA VAL C 52 2.74 -9.86 -13.28
C VAL C 52 4.12 -10.29 -12.82
N VAL C 53 5.11 -10.19 -13.69
CA VAL C 53 6.50 -10.47 -13.29
C VAL C 53 7.30 -9.22 -13.59
N SER C 54 7.99 -8.70 -12.58
CA SER C 54 8.71 -7.44 -12.70
C SER C 54 10.20 -7.70 -12.60
N ASP C 55 11.03 -6.74 -13.01
CA ASP C 55 12.48 -6.91 -12.88
C ASP C 55 12.83 -7.03 -11.40
N TYR C 56 12.00 -6.41 -10.58
CA TYR C 56 12.14 -6.53 -9.14
C TYR C 56 12.07 -7.99 -8.72
N ASP C 57 11.17 -8.73 -9.36
CA ASP C 57 11.05 -10.15 -9.07
C ASP C 57 12.33 -10.90 -9.48
N LEU C 58 12.91 -10.51 -10.60
CA LEU C 58 14.16 -11.10 -11.05
C LEU C 58 15.32 -10.88 -10.08
N LEU C 59 15.31 -9.74 -9.39
CA LEU C 59 16.44 -9.39 -8.54
C LEU C 59 16.73 -10.41 -7.45
N ALA C 60 15.75 -11.24 -7.15
CA ALA C 60 15.90 -12.19 -6.06
C ALA C 60 16.66 -13.45 -6.49
N LEU C 61 16.86 -13.64 -7.80
CA LEU C 61 17.50 -14.85 -8.33
C LEU C 61 18.87 -15.14 -7.68
N ASP C 62 19.18 -16.41 -7.44
CA ASP C 62 20.46 -16.76 -6.83
C ASP C 62 21.62 -16.26 -7.68
N SER C 63 21.45 -16.32 -9.01
CA SER C 63 22.47 -15.84 -9.92
C SER C 63 22.74 -14.33 -9.81
N ILE C 64 21.73 -13.59 -9.37
CA ILE C 64 21.78 -12.13 -9.37
C ILE C 64 22.12 -11.55 -7.99
N SER C 65 21.64 -12.20 -6.93
CA SER C 65 21.88 -11.74 -5.55
C SER C 65 22.23 -12.92 -4.65
N GLY C 66 22.58 -12.64 -3.39
CA GLY C 66 22.97 -13.69 -2.48
C GLY C 66 24.17 -14.50 -2.95
N VAL C 78 7.62 -9.98 14.20
CA VAL C 78 7.30 -11.40 14.21
C VAL C 78 5.86 -11.67 13.79
N ASP C 79 5.68 -12.58 12.83
CA ASP C 79 4.36 -12.87 12.28
C ASP C 79 3.92 -14.28 12.61
N SER C 80 2.70 -14.61 12.19
CA SER C 80 2.14 -15.93 12.40
C SER C 80 3.05 -17.01 11.84
N THR C 81 2.93 -18.22 12.38
CA THR C 81 3.67 -19.36 11.82
C THR C 81 3.38 -19.49 10.32
N TRP C 82 2.10 -19.39 9.98
CA TRP C 82 1.68 -19.50 8.59
C TRP C 82 2.37 -18.45 7.70
N LYS C 83 2.23 -17.19 8.07
CA LYS C 83 2.82 -16.11 7.27
C LYS C 83 4.33 -16.25 7.15
N THR C 84 4.99 -16.70 8.22
CA THR C 84 6.44 -16.88 8.18
C THR C 84 6.82 -17.94 7.16
N PHE C 85 6.26 -19.14 7.33
CA PHE C 85 6.48 -20.22 6.38
C PHE C 85 6.19 -19.79 4.96
N ASN C 86 5.04 -19.16 4.76
CA ASN C 86 4.62 -18.69 3.46
C ASN C 86 5.65 -17.78 2.80
N GLU C 87 6.06 -16.75 3.54
CA GLU C 87 7.08 -15.81 3.07
C GLU C 87 8.38 -16.53 2.70
N LEU C 88 8.80 -17.49 3.50
CA LEU C 88 10.01 -18.18 3.22
C LEU C 88 9.93 -19.06 1.98
N GLN C 89 8.83 -19.76 1.85
CA GLN C 89 8.59 -20.57 0.66
C GLN C 89 8.65 -19.70 -0.60
N LYS C 90 8.01 -18.53 -0.55
CA LYS C 90 8.05 -17.59 -1.68
C LYS C 90 9.46 -17.09 -2.00
N LEU C 91 10.23 -16.84 -0.94
CA LEU C 91 11.60 -16.40 -1.12
C LEU C 91 12.44 -17.49 -1.78
N ILE C 92 12.24 -18.73 -1.36
CA ILE C 92 13.00 -19.84 -1.93
C ILE C 92 12.63 -19.94 -3.40
N SER C 93 11.33 -19.78 -3.68
CA SER C 93 10.82 -19.86 -5.04
C SER C 93 11.41 -18.82 -5.97
N LYS C 94 11.50 -17.58 -5.53
CA LYS C 94 12.12 -16.57 -6.40
C LYS C 94 13.63 -16.78 -6.45
N THR C 95 14.22 -17.30 -5.38
CA THR C 95 15.66 -17.49 -5.34
C THR C 95 16.14 -18.53 -6.35
N TYR C 96 15.40 -19.64 -6.47
CA TYR C 96 15.78 -20.74 -7.36
C TYR C 96 14.74 -21.05 -8.44
N GLY C 97 13.89 -20.09 -8.74
CA GLY C 97 12.86 -20.26 -9.75
C GLY C 97 13.40 -20.61 -11.12
N LYS C 98 12.68 -21.47 -11.83
CA LYS C 98 13.10 -21.92 -13.15
C LYS C 98 12.12 -21.41 -14.19
N VAL C 99 10.88 -21.19 -13.75
CA VAL C 99 9.88 -20.59 -14.63
C VAL C 99 9.21 -19.36 -14.03
N VAL C 100 8.56 -18.58 -14.90
CA VAL C 100 7.92 -17.32 -14.54
C VAL C 100 6.99 -17.52 -13.35
N GLY C 101 6.34 -18.69 -13.33
CA GLY C 101 5.37 -19.01 -12.32
C GLY C 101 5.98 -18.97 -10.93
N ASP C 102 7.28 -19.20 -10.83
CA ASP C 102 7.94 -19.19 -9.54
C ASP C 102 8.16 -17.77 -9.03
N LEU C 103 8.18 -16.81 -9.96
CA LEU C 103 8.66 -15.46 -9.65
C LEU C 103 7.53 -14.45 -9.59
N MET C 104 6.54 -14.64 -10.44
CA MET C 104 5.47 -13.66 -10.59
C MET C 104 4.68 -13.40 -9.31
N THR C 105 4.04 -12.24 -9.27
CA THR C 105 3.00 -11.95 -8.30
C THR C 105 1.66 -12.33 -8.93
N PRO C 106 1.04 -13.40 -8.43
CA PRO C 106 -0.22 -13.86 -9.05
C PRO C 106 -1.34 -12.91 -8.69
N SER C 107 -2.44 -12.91 -9.46
CA SER C 107 -3.61 -12.08 -9.14
C SER C 107 -3.22 -10.64 -8.86
N PRO C 108 -2.75 -9.92 -9.87
CA PRO C 108 -2.32 -8.54 -9.62
C PRO C 108 -3.53 -7.63 -9.39
N LEU C 109 -3.27 -6.44 -8.85
CA LEU C 109 -4.27 -5.37 -8.87
C LEU C 109 -4.35 -4.93 -10.33
N VAL C 110 -5.57 -4.76 -10.82
CA VAL C 110 -5.83 -4.43 -12.22
C VAL C 110 -6.73 -3.23 -12.30
N VAL C 111 -6.83 -2.63 -13.48
CA VAL C 111 -7.85 -1.60 -13.77
C VAL C 111 -8.55 -1.92 -15.09
N ARG C 112 -9.65 -1.22 -15.37
CA ARG C 112 -10.38 -1.34 -16.65
C ARG C 112 -10.02 -0.20 -17.59
N ASP C 113 -10.20 -0.42 -18.89
CA ASP C 113 -9.99 0.64 -19.87
C ASP C 113 -10.84 1.86 -19.56
N SER C 114 -11.99 1.61 -18.94
CA SER C 114 -12.96 2.66 -18.61
C SER C 114 -12.79 3.18 -17.18
N THR C 115 -11.70 2.79 -16.53
CA THR C 115 -11.42 3.35 -15.23
C THR C 115 -10.99 4.79 -15.42
N ASN C 116 -11.56 5.68 -14.61
CA ASN C 116 -11.14 7.08 -14.65
C ASN C 116 -9.64 7.18 -14.45
N LEU C 117 -8.98 7.88 -15.37
CA LEU C 117 -7.53 8.02 -15.35
C LEU C 117 -7.00 8.42 -13.98
N GLU C 118 -7.62 9.39 -13.33
CA GLU C 118 -7.11 9.85 -12.04
C GLU C 118 -7.27 8.84 -10.88
N ASP C 119 -8.25 7.94 -10.97
CA ASP C 119 -8.33 6.84 -10.01
C ASP C 119 -7.13 5.91 -10.20
N ALA C 120 -6.80 5.59 -11.45
CA ALA C 120 -5.61 4.80 -11.76
C ALA C 120 -4.39 5.50 -11.19
N ALA C 121 -4.31 6.81 -11.40
CA ALA C 121 -3.20 7.59 -10.86
C ALA C 121 -3.11 7.49 -9.32
N ARG C 122 -4.25 7.59 -8.66
CA ARG C 122 -4.21 7.53 -7.21
C ARG C 122 -3.88 6.12 -6.74
N LEU C 123 -4.26 5.12 -7.53
CA LEU C 123 -3.92 3.74 -7.22
C LEU C 123 -2.41 3.53 -7.39
N LEU C 124 -1.84 4.15 -8.41
CA LEU C 124 -0.39 4.06 -8.65
C LEU C 124 0.35 4.77 -7.52
N LEU C 125 -0.20 5.89 -7.05
CA LEU C 125 0.42 6.59 -5.93
C LEU C 125 0.35 5.73 -4.68
N GLU C 126 -0.81 5.17 -4.39
CA GLU C 126 -0.94 4.36 -3.20
C GLU C 126 -0.05 3.12 -3.17
N THR C 127 -0.06 2.35 -4.25
CA THR C 127 0.62 1.06 -4.27
C THR C 127 2.08 1.17 -4.62
N LYS C 128 2.46 2.26 -5.29
CA LYS C 128 3.81 2.44 -5.82
C LYS C 128 4.21 1.45 -6.92
N PHE C 129 3.22 0.71 -7.45
CA PHE C 129 3.49 -0.22 -8.55
C PHE C 129 4.00 0.52 -9.80
N ARG C 130 4.92 -0.10 -10.54
CA ARG C 130 5.33 0.47 -11.83
C ARG C 130 4.17 0.46 -12.82
N ARG C 131 3.33 -0.57 -12.76
CA ARG C 131 2.27 -0.71 -13.75
C ARG C 131 0.99 -1.38 -13.26
N LEU C 132 -0.11 -1.08 -13.93
CA LEU C 132 -1.38 -1.74 -13.68
C LEU C 132 -1.84 -2.45 -14.94
N PRO C 133 -2.01 -3.78 -14.87
CA PRO C 133 -2.60 -4.50 -16.01
C PRO C 133 -4.04 -4.03 -16.22
N VAL C 134 -4.42 -3.89 -17.48
CA VAL C 134 -5.77 -3.50 -17.86
C VAL C 134 -6.46 -4.70 -18.48
N VAL C 135 -7.58 -5.09 -17.87
CA VAL C 135 -8.33 -6.25 -18.30
C VAL C 135 -9.74 -5.83 -18.68
N ASP C 136 -10.41 -6.65 -19.49
CA ASP C 136 -11.85 -6.50 -19.73
C ASP C 136 -12.65 -7.17 -18.60
N ALA C 137 -13.94 -7.40 -18.81
CA ALA C 137 -14.78 -8.00 -17.76
C ALA C 137 -14.60 -9.51 -17.67
N ASP C 138 -13.94 -10.10 -18.67
CA ASP C 138 -13.67 -11.53 -18.66
C ASP C 138 -12.33 -11.79 -17.98
N GLY C 139 -11.69 -10.73 -17.51
CA GLY C 139 -10.39 -10.84 -16.89
C GLY C 139 -9.32 -11.17 -17.90
N LYS C 140 -9.64 -10.96 -19.17
CA LYS C 140 -8.66 -11.15 -20.23
C LYS C 140 -7.79 -9.89 -20.29
N LEU C 141 -6.52 -10.06 -20.61
CA LEU C 141 -5.58 -8.93 -20.67
C LEU C 141 -5.80 -8.06 -21.90
N ILE C 142 -6.10 -6.78 -21.69
CA ILE C 142 -6.30 -5.87 -22.81
C ILE C 142 -5.31 -4.69 -22.86
N GLY C 143 -4.46 -4.57 -21.85
CA GLY C 143 -3.50 -3.48 -21.83
C GLY C 143 -2.63 -3.35 -20.59
N ILE C 144 -1.81 -2.30 -20.57
CA ILE C 144 -0.92 -2.03 -19.45
C ILE C 144 -0.77 -0.53 -19.31
N LEU C 145 -1.19 0.00 -18.16
CA LEU C 145 -0.99 1.41 -17.89
C LEU C 145 0.20 1.56 -16.96
N THR C 146 1.26 2.22 -17.42
CA THR C 146 2.42 2.46 -16.56
C THR C 146 2.40 3.86 -15.94
N ARG C 147 3.29 4.06 -14.99
CA ARG C 147 3.51 5.36 -14.36
C ARG C 147 3.94 6.39 -15.42
N GLY C 148 4.82 5.96 -16.32
CA GLY C 148 5.25 6.78 -17.43
C GLY C 148 4.09 7.25 -18.30
N ASN C 149 3.13 6.36 -18.57
CA ASN C 149 1.94 6.72 -19.37
C ASN C 149 1.11 7.81 -18.69
N VAL C 150 1.00 7.72 -17.37
CA VAL C 150 0.16 8.64 -16.61
C VAL C 150 0.84 10.00 -16.54
N VAL C 151 2.16 9.98 -16.35
CA VAL C 151 2.93 11.21 -16.29
C VAL C 151 2.95 11.89 -17.66
N ARG C 152 2.99 11.09 -18.71
CA ARG C 152 3.01 11.61 -20.07
C ARG C 152 1.64 12.15 -20.42
N ALA C 153 0.59 11.55 -19.86
CA ALA C 153 -0.77 12.08 -19.93
C ALA C 153 -0.86 13.40 -19.20
N ALA C 154 -0.12 13.50 -18.10
CA ALA C 154 -0.10 14.70 -17.30
C ALA C 154 0.48 15.85 -18.11
N LEU C 155 1.69 15.64 -18.65
CA LEU C 155 2.33 16.66 -19.47
C LEU C 155 1.48 17.00 -20.68
N GLN C 156 1.12 15.98 -21.45
CA GLN C 156 0.29 16.14 -22.64
C GLN C 156 -1.00 16.93 -22.38
N ILE C 157 -1.54 16.85 -21.17
CA ILE C 157 -2.57 17.82 -20.79
C ILE C 157 -1.95 19.06 -20.13
N LYS C 158 -1.05 19.73 -20.85
CA LYS C 158 -0.62 21.08 -20.48
C LYS C 158 -1.44 22.03 -21.33
N ARG C 159 -2.24 21.43 -22.20
CA ARG C 159 -3.08 22.14 -23.16
C ARG C 159 -4.15 23.00 -22.49
N GLY D 3 31.96 -11.25 -7.72
CA GLY D 3 33.17 -10.78 -8.38
C GLY D 3 32.99 -9.44 -9.08
N TYR D 4 31.98 -9.36 -9.93
CA TYR D 4 31.67 -8.11 -10.65
C TYR D 4 31.30 -6.94 -9.73
N THR D 5 31.52 -5.72 -10.24
CA THR D 5 31.17 -4.52 -9.49
C THR D 5 30.05 -3.69 -10.11
N VAL D 6 29.59 -2.71 -9.32
CA VAL D 6 28.68 -1.68 -9.79
C VAL D 6 29.28 -0.94 -10.98
N GLY D 7 30.57 -0.62 -10.86
CA GLY D 7 31.30 0.09 -11.88
C GLY D 7 31.27 -0.65 -13.19
N ASP D 8 31.26 -1.99 -13.12
CA ASP D 8 31.21 -2.80 -14.33
C ASP D 8 29.93 -2.51 -15.17
N PHE D 9 28.78 -2.39 -14.52
CA PHE D 9 27.51 -2.41 -15.26
C PHE D 9 26.63 -1.17 -15.16
N MET D 10 27.02 -0.22 -14.32
CA MET D 10 26.23 0.99 -14.13
C MET D 10 26.04 1.78 -15.42
N THR D 11 24.92 2.50 -15.50
CA THR D 11 24.74 3.51 -16.54
C THR D 11 25.85 4.52 -16.31
N PRO D 12 26.74 4.68 -17.30
CA PRO D 12 27.88 5.60 -17.14
C PRO D 12 27.45 7.09 -17.09
N ARG D 13 28.29 7.91 -16.47
CA ARG D 13 28.06 9.35 -16.37
C ARG D 13 27.64 10.03 -17.69
N GLN D 14 28.21 9.58 -18.80
CA GLN D 14 28.00 10.22 -20.11
C GLN D 14 26.56 10.06 -20.58
N ASN D 15 25.86 9.08 -20.02
CA ASN D 15 24.49 8.76 -20.45
C ASN D 15 23.39 9.42 -19.61
N LEU D 16 23.81 10.08 -18.53
CA LEU D 16 22.86 10.58 -17.52
C LEU D 16 22.18 11.89 -17.91
N HIS D 17 20.94 12.04 -17.46
CA HIS D 17 20.21 13.29 -17.64
C HIS D 17 20.04 13.93 -16.27
N VAL D 18 20.93 14.85 -15.94
CA VAL D 18 20.99 15.40 -14.59
C VAL D 18 20.16 16.67 -14.52
N VAL D 19 19.79 17.08 -13.31
CA VAL D 19 19.19 18.38 -13.07
C VAL D 19 19.81 18.98 -11.83
N LYS D 20 19.51 20.25 -11.60
CA LYS D 20 20.01 20.96 -10.42
C LYS D 20 18.82 21.43 -9.59
N PRO D 21 19.02 21.68 -8.28
CA PRO D 21 17.94 22.11 -7.38
C PRO D 21 17.12 23.23 -7.97
N SER D 22 17.76 24.10 -8.76
CA SER D 22 17.10 25.27 -9.32
C SER D 22 16.31 24.96 -10.59
N THR D 23 16.47 23.75 -11.09
CA THR D 23 15.74 23.37 -12.30
C THR D 23 14.25 23.42 -12.04
N SER D 24 13.50 24.02 -12.95
CA SER D 24 12.05 24.11 -12.84
C SER D 24 11.41 22.74 -12.89
N VAL D 25 10.36 22.56 -12.09
CA VAL D 25 9.60 21.32 -12.05
C VAL D 25 9.03 20.97 -13.43
N ASP D 26 8.70 21.98 -14.21
CA ASP D 26 8.17 21.75 -15.56
C ASP D 26 9.25 21.29 -16.52
N ASP D 27 10.46 21.81 -16.34
CA ASP D 27 11.57 21.39 -17.18
C ASP D 27 12.03 19.99 -16.79
N ALA D 28 12.02 19.67 -15.50
CA ALA D 28 12.34 18.32 -15.06
C ALA D 28 11.31 17.35 -15.62
N LEU D 29 10.05 17.74 -15.55
CA LEU D 29 8.98 16.93 -16.13
C LEU D 29 9.18 16.68 -17.61
N GLU D 30 9.43 17.76 -18.35
CA GLU D 30 9.61 17.67 -19.79
C GLU D 30 10.83 16.82 -20.16
N LEU D 31 11.92 17.00 -19.42
CA LEU D 31 13.12 16.24 -19.66
C LEU D 31 12.85 14.77 -19.39
N LEU D 32 12.08 14.51 -18.35
CA LEU D 32 11.77 13.15 -17.93
C LEU D 32 10.93 12.42 -18.95
N VAL D 33 9.94 13.12 -19.51
CA VAL D 33 9.06 12.53 -20.51
C VAL D 33 9.80 12.34 -21.83
N GLU D 34 10.69 13.27 -22.14
CA GLU D 34 11.35 13.24 -23.45
C GLU D 34 12.54 12.27 -23.53
N LYS D 35 13.33 12.19 -22.46
CA LYS D 35 14.44 11.25 -22.45
C LYS D 35 13.96 9.85 -22.09
N LYS D 36 12.64 9.73 -21.92
CA LYS D 36 12.01 8.49 -21.46
C LYS D 36 12.80 7.82 -20.34
N VAL D 37 12.98 8.55 -19.25
CA VAL D 37 13.54 7.98 -18.03
C VAL D 37 12.47 8.02 -16.94
N THR D 38 12.76 7.35 -15.84
CA THR D 38 11.78 7.24 -14.77
C THR D 38 12.22 8.05 -13.55
N GLY D 39 13.34 8.75 -13.68
CA GLY D 39 13.88 9.55 -12.59
C GLY D 39 15.11 10.32 -13.01
N LEU D 40 15.47 11.34 -12.23
CA LEU D 40 16.58 12.21 -12.58
C LEU D 40 17.45 12.43 -11.34
N PRO D 41 18.77 12.26 -11.48
CA PRO D 41 19.64 12.62 -10.35
C PRO D 41 19.76 14.13 -10.25
N VAL D 42 19.95 14.65 -9.05
CA VAL D 42 20.12 16.07 -8.85
C VAL D 42 21.46 16.36 -8.21
N ILE D 43 22.17 17.29 -8.83
CA ILE D 43 23.52 17.66 -8.45
C ILE D 43 23.66 19.17 -8.35
N ASP D 44 24.71 19.62 -7.67
CA ASP D 44 25.07 21.04 -7.65
C ASP D 44 25.97 21.41 -8.79
N ASP D 45 26.64 22.55 -8.72
CA ASP D 45 27.48 22.99 -9.83
C ASP D 45 28.78 22.21 -9.99
N ASN D 46 29.28 21.62 -8.89
CA ASN D 46 30.47 20.80 -8.92
C ASN D 46 30.19 19.31 -9.09
N TRP D 47 28.99 18.97 -9.58
CA TRP D 47 28.55 17.57 -9.75
C TRP D 47 28.51 16.74 -8.46
N THR D 48 28.36 17.41 -7.31
CA THR D 48 28.08 16.70 -6.08
C THR D 48 26.62 16.27 -6.15
N LEU D 49 26.35 15.00 -5.90
CA LEU D 49 24.98 14.47 -5.89
C LEU D 49 24.23 14.98 -4.66
N VAL D 50 23.16 15.76 -4.87
CA VAL D 50 22.39 16.28 -3.73
C VAL D 50 20.97 15.71 -3.59
N GLY D 51 20.50 15.00 -4.62
CA GLY D 51 19.18 14.40 -4.53
C GLY D 51 18.77 13.51 -5.68
N VAL D 52 17.55 12.98 -5.60
CA VAL D 52 16.94 12.22 -6.68
C VAL D 52 15.50 12.68 -6.84
N VAL D 53 15.05 12.87 -8.07
CA VAL D 53 13.65 13.16 -8.26
C VAL D 53 13.02 12.12 -9.20
N SER D 54 12.17 11.27 -8.62
CA SER D 54 11.52 10.17 -9.35
C SER D 54 10.29 10.65 -10.11
N ASP D 55 9.85 9.87 -11.11
CA ASP D 55 8.57 10.17 -11.73
C ASP D 55 7.45 9.98 -10.70
N TYR D 56 7.73 9.22 -9.65
CA TYR D 56 6.79 9.10 -8.54
C TYR D 56 6.56 10.46 -7.86
N ASP D 57 7.64 11.17 -7.54
CA ASP D 57 7.57 12.51 -6.97
C ASP D 57 6.74 13.50 -7.81
N LEU D 58 6.93 13.45 -9.12
CA LEU D 58 6.19 14.31 -10.06
C LEU D 58 4.73 13.95 -10.12
N LEU D 59 4.45 12.64 -10.06
CA LEU D 59 3.07 12.18 -10.10
C LEU D 59 2.34 12.55 -8.80
N ALA D 60 3.08 12.54 -7.69
CA ALA D 60 2.54 12.94 -6.40
C ALA D 60 2.22 14.44 -6.41
N LEU D 61 3.10 15.22 -7.02
CA LEU D 61 2.87 16.66 -7.17
C LEU D 61 1.50 16.98 -7.78
N ASP D 62 1.24 16.46 -8.97
CA ASP D 62 -0.03 16.71 -9.63
C ASP D 62 -1.24 16.28 -8.79
N ASN D 86 -5.04 26.45 7.98
CA ASN D 86 -5.56 26.86 6.68
C ASN D 86 -4.67 27.89 5.97
N GLU D 87 -4.25 28.92 6.69
CA GLU D 87 -3.38 29.94 6.10
C GLU D 87 -2.03 29.34 5.73
N LEU D 88 -1.60 28.36 6.54
CA LEU D 88 -0.35 27.66 6.31
C LEU D 88 -0.38 26.96 4.95
N GLN D 89 -1.41 26.15 4.72
CA GLN D 89 -1.57 25.48 3.41
C GLN D 89 -1.41 26.45 2.22
N LYS D 90 -2.08 27.60 2.31
CA LYS D 90 -2.05 28.60 1.26
C LYS D 90 -0.65 29.19 1.07
N LEU D 91 0.05 29.49 2.16
CA LEU D 91 1.40 30.04 2.04
C LEU D 91 2.42 29.00 1.55
N ILE D 92 2.14 27.72 1.82
CA ILE D 92 2.99 26.64 1.33
C ILE D 92 2.81 26.49 -0.18
N SER D 93 1.54 26.43 -0.60
CA SER D 93 1.20 26.30 -2.02
C SER D 93 1.82 27.41 -2.89
N LYS D 94 1.88 28.61 -2.33
CA LYS D 94 2.48 29.78 -2.99
C LYS D 94 3.99 29.68 -3.17
N THR D 95 4.62 28.78 -2.41
CA THR D 95 6.08 28.75 -2.33
C THR D 95 6.73 27.54 -3.04
N TYR D 96 6.04 26.39 -3.02
CA TYR D 96 6.58 25.17 -3.65
C TYR D 96 5.72 24.64 -4.80
N GLY D 97 6.29 23.67 -5.52
CA GLY D 97 5.73 23.25 -6.79
C GLY D 97 6.38 24.12 -7.85
N LYS D 98 7.58 24.59 -7.53
CA LYS D 98 8.32 25.53 -8.36
C LYS D 98 9.64 24.93 -8.86
N VAL D 99 10.49 24.47 -7.95
CA VAL D 99 11.79 23.91 -8.35
C VAL D 99 12.08 22.51 -7.80
N VAL D 100 12.75 21.71 -8.63
CA VAL D 100 13.26 20.39 -8.25
C VAL D 100 13.83 20.32 -6.83
N GLY D 101 14.53 21.38 -6.42
CA GLY D 101 15.15 21.42 -5.10
C GLY D 101 14.19 21.08 -3.97
N ASP D 102 12.92 21.50 -4.12
CA ASP D 102 11.89 21.30 -3.10
C ASP D 102 11.19 19.95 -3.24
N LEU D 103 11.26 19.36 -4.44
CA LEU D 103 10.53 18.14 -4.79
C LEU D 103 11.41 16.90 -4.65
N MET D 104 12.71 17.11 -4.59
CA MET D 104 13.68 16.02 -4.59
C MET D 104 13.86 15.37 -3.22
N THR D 105 14.03 14.05 -3.19
CA THR D 105 14.46 13.37 -1.97
C THR D 105 15.92 13.67 -1.70
N PRO D 106 16.20 14.33 -0.57
CA PRO D 106 17.59 14.64 -0.25
C PRO D 106 18.32 13.42 0.29
N SER D 107 19.66 13.49 0.25
CA SER D 107 20.53 12.45 0.79
C SER D 107 20.22 11.03 0.34
N PRO D 108 20.09 10.81 -0.97
CA PRO D 108 19.70 9.49 -1.49
C PRO D 108 20.61 8.37 -1.00
N LEU D 109 20.09 7.15 -1.05
CA LEU D 109 20.92 5.97 -0.87
C LEU D 109 21.80 5.82 -2.11
N VAL D 110 23.09 5.55 -1.93
CA VAL D 110 24.06 5.56 -3.04
C VAL D 110 25.10 4.45 -2.89
N VAL D 111 25.70 4.02 -4.00
CA VAL D 111 26.76 3.02 -3.94
C VAL D 111 28.08 3.54 -4.51
N ARG D 112 29.12 2.70 -4.43
CA ARG D 112 30.42 3.01 -5.01
C ARG D 112 30.63 2.18 -6.28
N ASP D 113 31.54 2.63 -7.16
CA ASP D 113 31.78 1.85 -8.37
C ASP D 113 32.44 0.53 -7.96
N SER D 114 33.05 0.57 -6.78
CA SER D 114 33.70 -0.58 -6.18
C SER D 114 32.75 -1.50 -5.41
N THR D 115 31.61 -0.95 -4.97
CA THR D 115 30.54 -1.74 -4.34
C THR D 115 30.29 -3.02 -5.16
N ASN D 116 30.24 -4.17 -4.49
CA ASN D 116 30.02 -5.42 -5.22
C ASN D 116 28.63 -5.44 -5.86
N LEU D 117 28.52 -5.97 -7.07
CA LEU D 117 27.25 -5.93 -7.81
C LEU D 117 26.11 -6.70 -7.13
N GLU D 118 26.41 -7.90 -6.63
CA GLU D 118 25.41 -8.68 -5.90
C GLU D 118 24.88 -7.89 -4.70
N ASP D 119 25.79 -7.23 -3.99
CA ASP D 119 25.44 -6.43 -2.82
C ASP D 119 24.51 -5.30 -3.18
N ALA D 120 24.84 -4.63 -4.29
CA ALA D 120 23.99 -3.56 -4.79
C ALA D 120 22.61 -4.09 -5.15
N ALA D 121 22.56 -5.21 -5.87
CA ALA D 121 21.28 -5.81 -6.23
C ALA D 121 20.46 -6.14 -4.96
N ARG D 122 21.14 -6.56 -3.90
CA ARG D 122 20.47 -6.77 -2.62
C ARG D 122 19.88 -5.47 -2.10
N LEU D 123 20.60 -4.37 -2.32
CA LEU D 123 20.10 -3.08 -1.86
C LEU D 123 18.87 -2.66 -2.65
N LEU D 124 18.85 -2.98 -3.94
CA LEU D 124 17.68 -2.70 -4.76
C LEU D 124 16.51 -3.57 -4.25
N LEU D 125 16.82 -4.80 -3.87
CA LEU D 125 15.78 -5.71 -3.42
C LEU D 125 15.16 -5.20 -2.11
N GLU D 126 16.00 -4.73 -1.19
CA GLU D 126 15.53 -4.23 0.10
C GLU D 126 14.77 -2.91 -0.01
N THR D 127 15.36 -1.92 -0.67
CA THR D 127 14.76 -0.59 -0.72
C THR D 127 13.64 -0.44 -1.72
N LYS D 128 13.61 -1.34 -2.71
CA LYS D 128 12.65 -1.25 -3.82
C LYS D 128 12.83 -0.01 -4.69
N PHE D 129 13.91 0.73 -4.44
CA PHE D 129 14.22 1.89 -5.28
C PHE D 129 14.44 1.46 -6.73
N ARG D 130 14.07 2.33 -7.66
CA ARG D 130 14.36 2.11 -9.08
C ARG D 130 15.86 2.17 -9.39
N ARG D 131 16.56 3.08 -8.71
CA ARG D 131 17.96 3.38 -9.04
C ARG D 131 18.78 3.70 -7.79
N LEU D 132 20.05 3.32 -7.81
CA LEU D 132 20.99 3.70 -6.77
C LEU D 132 22.09 4.48 -7.43
N PRO D 133 22.09 5.80 -7.24
CA PRO D 133 23.18 6.60 -7.79
C PRO D 133 24.54 6.13 -7.28
N VAL D 134 25.56 6.21 -8.14
CA VAL D 134 26.93 5.84 -7.79
C VAL D 134 27.77 7.11 -7.68
N VAL D 135 28.41 7.27 -6.52
CA VAL D 135 29.27 8.41 -6.26
C VAL D 135 30.70 7.97 -5.90
N ASP D 136 31.64 8.90 -6.00
CA ASP D 136 33.00 8.67 -5.49
C ASP D 136 33.06 9.03 -4.00
N ALA D 137 34.25 8.98 -3.42
CA ALA D 137 34.40 9.25 -1.99
C ALA D 137 34.19 10.72 -1.59
N ASP D 138 34.06 11.61 -2.58
CA ASP D 138 33.68 12.99 -2.31
C ASP D 138 32.20 13.27 -2.65
N GLY D 139 31.43 12.21 -2.92
CA GLY D 139 30.02 12.35 -3.23
C GLY D 139 29.72 12.95 -4.60
N LYS D 140 30.68 12.85 -5.52
CA LYS D 140 30.41 13.32 -6.88
C LYS D 140 29.73 12.22 -7.67
N LEU D 141 28.78 12.61 -8.53
CA LEU D 141 28.01 11.65 -9.30
C LEU D 141 28.82 11.05 -10.48
N ILE D 142 29.12 9.76 -10.38
CA ILE D 142 29.88 9.08 -11.44
C ILE D 142 29.05 8.08 -12.24
N GLY D 143 27.91 7.67 -11.68
CA GLY D 143 27.02 6.81 -12.43
C GLY D 143 25.66 6.61 -11.79
N ILE D 144 24.83 5.78 -12.41
CA ILE D 144 23.59 5.34 -11.79
C ILE D 144 23.39 3.83 -11.99
N LEU D 145 23.06 3.11 -10.91
CA LEU D 145 22.75 1.69 -11.04
C LEU D 145 21.23 1.41 -10.98
N THR D 146 20.61 1.12 -12.13
CA THR D 146 19.18 0.78 -12.15
C THR D 146 18.94 -0.72 -12.00
N ARG D 147 17.67 -1.09 -11.83
CA ARG D 147 17.29 -2.50 -11.93
C ARG D 147 17.71 -3.03 -13.31
N GLY D 148 17.33 -2.30 -14.36
CA GLY D 148 17.69 -2.65 -15.74
C GLY D 148 19.17 -2.99 -15.90
N ASN D 149 20.04 -2.13 -15.34
CA ASN D 149 21.47 -2.39 -15.33
C ASN D 149 21.75 -3.79 -14.81
N VAL D 150 21.14 -4.12 -13.66
CA VAL D 150 21.43 -5.39 -13.02
C VAL D 150 20.92 -6.61 -13.80
N VAL D 151 19.70 -6.55 -14.32
CA VAL D 151 19.19 -7.70 -15.05
C VAL D 151 19.90 -7.90 -16.39
N ARG D 152 20.14 -6.81 -17.11
CA ARG D 152 20.96 -6.87 -18.29
C ARG D 152 22.31 -7.47 -17.95
N ALA D 153 22.87 -7.08 -16.80
CA ALA D 153 24.15 -7.63 -16.36
C ALA D 153 24.08 -9.14 -16.26
N ALA D 154 23.09 -9.64 -15.52
CA ALA D 154 22.88 -11.08 -15.38
C ALA D 154 22.79 -11.74 -16.76
N LEU D 155 22.13 -11.07 -17.69
CA LEU D 155 21.98 -11.60 -19.04
C LEU D 155 23.32 -11.71 -19.78
N GLN D 156 24.05 -10.60 -19.87
CA GLN D 156 25.37 -10.56 -20.52
C GLN D 156 26.34 -11.56 -19.90
N ILE D 157 26.19 -11.77 -18.60
CA ILE D 157 26.99 -12.73 -17.88
C ILE D 157 26.63 -14.16 -18.29
N LYS D 158 25.35 -14.52 -18.17
CA LYS D 158 24.88 -15.83 -18.63
C LYS D 158 25.37 -16.13 -20.04
N ARG D 159 25.07 -15.22 -20.97
CA ARG D 159 25.59 -15.30 -22.32
C ARG D 159 27.12 -15.29 -22.29
P AMP E . -8.65 3.19 8.20
O1P AMP E . -7.71 2.53 9.19
O2P AMP E . -8.79 2.45 6.87
O3P AMP E . -9.97 3.61 8.83
O5' AMP E . -7.98 4.58 7.82
C5' AMP E . -6.57 4.75 7.83
C4' AMP E . -6.17 6.01 7.10
O4' AMP E . -6.36 5.81 5.67
C3' AMP E . -6.95 7.26 7.47
O3' AMP E . -6.11 8.41 7.30
C2' AMP E . -8.04 7.31 6.40
O2' AMP E . -8.56 8.60 6.17
C1' AMP E . -7.31 6.75 5.17
N9 AMP E . -8.19 6.02 4.26
C8 AMP E . -9.15 5.17 4.67
N7 AMP E . -9.82 4.62 3.63
C5 AMP E . -9.27 5.14 2.51
C6 AMP E . -9.52 5.01 1.07
N6 AMP E . -10.49 4.16 0.62
N1 AMP E . -8.73 5.72 0.22
C2 AMP E . -7.77 6.55 0.66
N3 AMP E . -7.51 6.73 1.97
C4 AMP E . -8.22 6.07 2.92
P AMP F . -5.54 -5.06 12.32
O1P AMP F . -5.85 -4.57 10.90
O2P AMP F . -4.96 -4.01 13.22
O3P AMP F . -6.63 -5.87 12.97
O5' AMP F . -4.40 -6.13 12.09
C5' AMP F . -3.34 -5.91 11.17
C4' AMP F . -2.25 -6.92 11.36
O4' AMP F . -1.58 -6.64 12.64
C3' AMP F . -2.74 -8.37 11.46
O3' AMP F . -1.71 -9.27 11.01
C2' AMP F . -2.94 -8.56 12.96
O2' AMP F . -2.89 -9.90 13.40
C1' AMP F . -1.80 -7.70 13.55
N9 AMP F . -2.16 -7.09 14.83
C8 AMP F . -3.35 -6.56 15.11
N7 AMP F . -3.36 -6.08 16.39
C5 AMP F . -2.15 -6.30 16.93
C6 AMP F . -1.51 -6.04 18.25
N6 AMP F . -2.16 -5.43 19.26
N1 AMP F . -0.22 -6.43 18.38
C2 AMP F . 0.45 -7.05 17.39
N3 AMP F . -0.08 -7.31 16.17
C4 AMP F . -1.36 -6.98 15.90
P AMP G . 7.16 -3.00 -9.62
O1P AMP G . 8.24 -2.27 -8.86
O2P AMP G . 5.79 -2.38 -9.53
O3P AMP G . 7.57 -3.40 -11.01
O5' AMP G . 6.98 -4.38 -8.85
C5' AMP G . 7.24 -4.49 -7.46
C4' AMP G . 6.63 -5.73 -6.88
O4' AMP G . 5.18 -5.61 -6.96
C3' AMP G . 6.98 -7.04 -7.59
O3' AMP G . 6.94 -8.12 -6.66
C2' AMP G . 5.84 -7.20 -8.59
O2' AMP G . 5.61 -8.52 -8.99
C1' AMP G . 4.65 -6.62 -7.82
N9 AMP G . 3.64 -5.99 -8.66
C8 AMP G . 3.89 -5.20 -9.73
N7 AMP G . 2.74 -4.75 -10.29
C5 AMP G . 1.72 -5.26 -9.58
C6 AMP G . 0.24 -5.20 -9.62
N6 AMP G . -0.43 -4.49 -10.57
N1 AMP G . -0.44 -5.87 -8.68
C2 AMP G . 0.17 -6.60 -7.72
N3 AMP G . 1.50 -6.71 -7.62
C4 AMP G . 2.31 -6.08 -8.51
P AMP H . 11.23 5.25 -7.25
O1P AMP H . 9.85 4.67 -7.46
O2P AMP H . 12.23 4.31 -6.60
O3P AMP H . 11.80 5.97 -8.45
O5' AMP H . 11.00 6.41 -6.19
C5' AMP H . 10.23 6.19 -5.02
C4' AMP H . 10.53 7.24 -3.99
O4' AMP H . 11.85 6.98 -3.44
C3' AMP H . 10.55 8.67 -4.52
O3' AMP H . 10.08 9.57 -3.52
C2' AMP H . 12.04 8.93 -4.78
O2' AMP H . 12.42 10.29 -4.68
C1' AMP H . 12.72 8.07 -3.72
N9 AMP H . 14.00 7.51 -4.15
C8 AMP H . 14.27 6.99 -5.36
N7 AMP H . 15.57 6.58 -5.43
C5 AMP H . 16.16 6.84 -4.26
C6 AMP H . 17.51 6.64 -3.67
N6 AMP H . 18.53 6.08 -4.37
N1 AMP H . 17.70 7.06 -2.40
C2 AMP H . 16.70 7.62 -1.68
N3 AMP H . 15.45 7.82 -2.15
C4 AMP H . 15.13 7.46 -3.41
#